data_5U1X
#
_entry.id   5U1X
#
_cell.length_a   169.327
_cell.length_b   169.327
_cell.length_c   169.327
_cell.angle_alpha   90.000
_cell.angle_beta   90.000
_cell.angle_gamma   90.000
#
_symmetry.space_group_name_H-M   'I 21 3'
#
loop_
_entity.id
_entity.type
_entity.pdbx_description
1 polymer 'P2X purinoceptor'
2 branched 2-acetamido-2-deoxy-beta-D-glucopyranose-(1-4)-2-acetamido-2-deoxy-beta-D-glucopyranose
3 non-polymer 2-acetamido-2-deoxy-beta-D-glucopyranose
4 non-polymer N-{[4-(4-phenylpiperazin-1-yl)oxan-4-yl]methyl}-2-(phenylsulfanyl)pyridine-3-carboxamide
#
_entity_poly.entity_id   1
_entity_poly.type   'polypeptide(L)'
_entity_poly.pdbx_seq_one_letter_code
;GSSTNYGTIKWIFHALVFSYISFALISDKRYQKKEPLISSVHTKVKGIAEVKAEILENGMKKMVSGVFDTADYTFPLQGN
SFFVMTNFIKTEGQQQGLCPDFPTARTICSSDRGCKKGRMDPQSKGIQTGRCVVYKERLKTCEVSAWCPIEEVKDAPRPA
LLNSAENFTVLIKNNIDFPGHNYTTRNILPGVNITCTFHKTQNPQCPIFRLGDIFQETGDSFSDVAIQGGIMGIEIYWDC
NLDGWFHHCRPKYSFRRLDDKTTSESLYPGYNFRYAKYYKENNVEKRTLIKVFGIRFDILVFGTGGKFNVIQLAVYIGSV
ISYFGLATVFIDILINTYSASS
;
_entity_poly.pdbx_strand_id   A
#
loop_
_chem_comp.id
_chem_comp.type
_chem_comp.name
_chem_comp.formula
7RV non-polymer N-{[4-(4-phenylpiperazin-1-yl)oxan-4-yl]methyl}-2-(phenylsulfanyl)pyridine-3-carboxamide 'C28 H32 N4 O2 S'
NAG D-saccharide, beta linking 2-acetamido-2-deoxy-beta-D-glucopyranose 'C8 H15 N O6'
#
# COMPACT_ATOMS: atom_id res chain seq x y z
N TRP A 11 30.71 47.64 11.17
CA TRP A 11 31.32 47.93 9.88
C TRP A 11 30.70 47.07 8.78
N ILE A 12 31.55 46.50 7.93
CA ILE A 12 31.05 45.66 6.84
C ILE A 12 30.55 44.32 7.38
N PHE A 13 31.24 43.78 8.38
CA PHE A 13 30.81 42.51 8.98
C PHE A 13 29.43 42.63 9.60
N HIS A 14 29.06 43.82 10.07
CA HIS A 14 27.71 44.03 10.59
C HIS A 14 26.68 43.98 9.48
N ALA A 15 26.99 44.54 8.31
CA ALA A 15 26.07 44.44 7.18
C ALA A 15 25.97 43.02 6.66
N LEU A 16 27.07 42.24 6.76
CA LEU A 16 27.01 40.83 6.38
C LEU A 16 26.26 40.00 7.40
N VAL A 17 26.27 40.42 8.68
CA VAL A 17 25.52 39.72 9.71
C VAL A 17 24.03 40.02 9.57
N PHE A 18 23.69 41.29 9.32
CA PHE A 18 22.31 41.65 9.01
C PHE A 18 21.84 40.95 7.74
N SER A 19 22.72 40.80 6.76
CA SER A 19 22.34 40.22 5.48
C SER A 19 22.13 38.70 5.60
N TYR A 20 23.06 38.01 6.26
CA TYR A 20 22.93 36.57 6.44
C TYR A 20 21.79 36.23 7.39
N ILE A 21 21.60 37.06 8.42
CA ILE A 21 20.49 36.86 9.35
C ILE A 21 19.15 37.05 8.65
N SER A 22 18.97 38.21 8.02
CA SER A 22 17.70 38.47 7.33
C SER A 22 17.48 37.48 6.20
N PHE A 23 18.56 36.99 5.60
CA PHE A 23 18.43 35.94 4.61
C PHE A 23 17.89 34.66 5.24
N ALA A 24 18.56 34.17 6.29
CA ALA A 24 18.07 32.99 7.00
C ALA A 24 16.61 33.14 7.37
N LEU A 25 16.20 34.35 7.74
CA LEU A 25 14.79 34.65 7.93
C LEU A 25 14.00 34.37 6.67
N ILE A 26 14.42 34.93 5.54
CA ILE A 26 13.64 34.84 4.30
C ILE A 26 13.58 33.38 3.81
N SER A 27 14.75 32.79 3.60
CA SER A 27 14.84 31.42 3.10
C SER A 27 14.15 30.44 4.04
N ASP A 28 14.44 30.51 5.34
CA ASP A 28 13.84 29.58 6.29
C ASP A 28 12.43 29.98 6.70
N LYS A 29 11.89 31.05 6.11
CA LYS A 29 10.51 31.49 6.34
C LYS A 29 10.19 31.54 7.83
N ARG A 30 11.09 32.16 8.59
CA ARG A 30 10.91 32.25 10.03
C ARG A 30 9.96 33.36 10.45
N TYR A 31 9.74 34.35 9.59
CA TYR A 31 8.66 35.30 9.81
C TYR A 31 7.31 34.61 9.82
N GLN A 32 7.22 33.45 9.18
CA GLN A 32 5.97 32.71 9.05
C GLN A 32 5.78 31.74 10.21
N LYS A 33 4.56 31.67 10.70
CA LYS A 33 4.10 30.55 11.52
C LYS A 33 3.61 29.45 10.61
N LYS A 34 3.92 28.20 10.99
CA LYS A 34 3.71 27.04 10.13
C LYS A 34 2.81 26.04 10.86
N GLU A 35 1.71 25.66 10.22
CA GLU A 35 0.74 24.73 10.76
C GLU A 35 0.66 23.46 9.93
N PRO A 36 0.50 22.29 10.54
CA PRO A 36 0.33 21.06 9.78
C PRO A 36 -1.05 20.98 9.14
N LEU A 37 -1.12 20.17 8.08
CA LEU A 37 -2.31 20.08 7.24
C LEU A 37 -3.24 18.97 7.70
N ILE A 38 -4.48 19.02 7.19
CA ILE A 38 -5.46 17.97 7.39
C ILE A 38 -5.86 17.45 6.02
N SER A 39 -5.82 16.13 5.85
CA SER A 39 -5.99 15.51 4.54
C SER A 39 -7.20 14.59 4.51
N SER A 40 -7.95 14.65 3.41
CA SER A 40 -8.96 13.67 3.08
C SER A 40 -8.68 13.16 1.67
N VAL A 41 -8.85 11.85 1.47
CA VAL A 41 -8.54 11.22 0.20
C VAL A 41 -9.79 10.53 -0.32
N HIS A 42 -9.94 10.51 -1.65
CA HIS A 42 -11.04 9.84 -2.31
C HIS A 42 -10.55 9.34 -3.66
N THR A 43 -10.53 8.03 -3.86
CA THR A 43 -9.97 7.44 -5.07
C THR A 43 -11.02 6.70 -5.86
N LYS A 44 -10.89 6.73 -7.18
CA LYS A 44 -11.70 5.94 -8.09
C LYS A 44 -10.76 5.18 -9.02
N VAL A 45 -10.80 3.85 -8.96
CA VAL A 45 -9.94 3.00 -9.76
C VAL A 45 -10.74 2.54 -10.99
N LYS A 46 -10.12 2.63 -12.16
CA LYS A 46 -10.74 2.24 -13.42
C LYS A 46 -9.86 1.25 -14.16
N GLY A 47 -10.50 0.35 -14.89
CA GLY A 47 -9.81 -0.68 -15.66
C GLY A 47 -10.48 -2.02 -15.42
N ILE A 48 -10.35 -2.90 -16.40
CA ILE A 48 -10.78 -4.29 -16.26
C ILE A 48 -9.65 -5.19 -16.77
N ALA A 49 -9.78 -6.48 -16.50
CA ALA A 49 -8.75 -7.43 -16.89
C ALA A 49 -9.40 -8.75 -17.30
N GLU A 50 -8.85 -9.37 -18.34
CA GLU A 50 -9.33 -10.66 -18.81
C GLU A 50 -8.35 -11.74 -18.37
N VAL A 51 -8.85 -12.73 -17.66
CA VAL A 51 -8.03 -13.81 -17.12
C VAL A 51 -8.26 -15.03 -18.00
N LYS A 52 -7.29 -15.30 -18.87
CA LYS A 52 -7.14 -16.58 -19.54
C LYS A 52 -5.79 -17.12 -19.13
N ALA A 53 -5.78 -18.26 -18.45
CA ALA A 53 -4.56 -18.86 -17.94
C ALA A 53 -4.84 -20.32 -17.64
N GLU A 54 -3.78 -21.09 -17.49
CA GLU A 54 -3.90 -22.50 -17.12
C GLU A 54 -3.16 -22.70 -15.80
N ILE A 55 -3.90 -23.06 -14.77
CA ILE A 55 -3.37 -23.24 -13.43
C ILE A 55 -3.37 -24.73 -13.12
N LEU A 56 -2.56 -25.14 -12.14
CA LEU A 56 -2.51 -26.52 -11.70
C LEU A 56 -3.19 -26.63 -10.34
N GLU A 57 -4.30 -27.36 -10.29
CA GLU A 57 -5.04 -27.60 -9.07
C GLU A 57 -4.95 -29.09 -8.74
N ASN A 58 -4.38 -29.40 -7.57
CA ASN A 58 -4.33 -30.77 -7.07
C ASN A 58 -3.67 -31.72 -8.07
N GLY A 59 -2.61 -31.21 -8.72
CA GLY A 59 -1.87 -31.97 -9.69
C GLY A 59 -2.44 -31.99 -11.10
N MET A 60 -3.67 -31.52 -11.29
CA MET A 60 -4.34 -31.58 -12.58
C MET A 60 -4.47 -30.18 -13.18
N LYS A 61 -4.31 -30.09 -14.50
CA LYS A 61 -4.42 -28.81 -15.18
C LYS A 61 -5.86 -28.36 -15.22
N LYS A 62 -6.06 -27.04 -15.12
CA LYS A 62 -7.38 -26.43 -15.04
C LYS A 62 -7.35 -25.09 -15.77
N MET A 63 -8.47 -24.75 -16.40
CA MET A 63 -8.57 -23.56 -17.22
C MET A 63 -9.20 -22.43 -16.38
N VAL A 64 -8.41 -21.40 -16.11
CA VAL A 64 -8.87 -20.22 -15.40
C VAL A 64 -9.21 -19.14 -16.41
N SER A 65 -10.49 -18.77 -16.49
CA SER A 65 -10.94 -17.72 -17.39
C SER A 65 -11.98 -16.87 -16.68
N GLY A 66 -12.14 -15.66 -17.16
CA GLY A 66 -13.17 -14.77 -16.65
C GLY A 66 -12.77 -13.32 -16.80
N VAL A 67 -13.78 -12.45 -16.86
CA VAL A 67 -13.59 -11.01 -16.98
C VAL A 67 -13.76 -10.39 -15.60
N PHE A 68 -12.76 -9.62 -15.18
CA PHE A 68 -12.72 -9.01 -13.86
C PHE A 68 -12.89 -7.51 -14.00
N ASP A 69 -13.89 -6.95 -13.33
CA ASP A 69 -14.10 -5.51 -13.30
C ASP A 69 -13.82 -4.98 -11.89
N THR A 70 -14.23 -3.74 -11.66
CA THR A 70 -13.91 -3.05 -10.42
C THR A 70 -14.39 -3.82 -9.19
N ALA A 71 -15.63 -4.27 -9.21
CA ALA A 71 -16.19 -4.98 -8.05
C ALA A 71 -15.46 -6.29 -7.76
N ASP A 72 -14.67 -6.79 -8.70
CA ASP A 72 -14.06 -8.11 -8.59
C ASP A 72 -12.62 -8.08 -8.12
N TYR A 73 -11.97 -6.91 -8.08
CA TYR A 73 -10.57 -6.85 -7.70
C TYR A 73 -10.19 -5.73 -6.75
N THR A 74 -11.06 -4.75 -6.50
CA THR A 74 -10.67 -3.62 -5.65
C THR A 74 -11.60 -3.49 -4.45
N PHE A 75 -11.21 -2.58 -3.57
CA PHE A 75 -11.86 -2.32 -2.29
C PHE A 75 -11.86 -0.82 -2.06
N PRO A 76 -13.01 -0.22 -1.68
CA PRO A 76 -13.05 1.23 -1.48
C PRO A 76 -12.01 1.72 -0.47
N LEU A 77 -11.59 2.97 -0.65
CA LEU A 77 -10.46 3.52 0.09
C LEU A 77 -10.78 3.63 1.58
N GLN A 78 -10.04 2.89 2.40
CA GLN A 78 -10.21 2.90 3.84
C GLN A 78 -8.89 3.34 4.47
N GLY A 79 -8.90 4.52 5.09
CA GLY A 79 -7.70 5.02 5.74
C GLY A 79 -6.64 5.52 4.79
N ASN A 80 -7.03 6.22 3.74
CA ASN A 80 -6.10 6.78 2.75
C ASN A 80 -5.26 5.69 2.09
N SER A 81 -5.94 4.63 1.65
CA SER A 81 -5.27 3.49 1.01
C SER A 81 -6.32 2.62 0.32
N PHE A 82 -5.94 2.04 -0.81
CA PHE A 82 -6.82 1.18 -1.60
C PHE A 82 -6.03 -0.02 -2.09
N PHE A 83 -6.72 -1.11 -2.38
CA PHE A 83 -6.07 -2.36 -2.75
C PHE A 83 -6.57 -2.84 -4.11
N VAL A 84 -5.64 -3.34 -4.91
CA VAL A 84 -5.89 -3.84 -6.26
C VAL A 84 -5.36 -5.27 -6.32
N MET A 85 -6.26 -6.24 -6.38
CA MET A 85 -5.82 -7.63 -6.48
C MET A 85 -5.17 -7.86 -7.84
N THR A 86 -4.04 -8.57 -7.84
CA THR A 86 -3.33 -8.89 -9.07
C THR A 86 -3.11 -10.37 -9.30
N ASN A 87 -3.42 -11.23 -8.32
CA ASN A 87 -3.19 -12.65 -8.47
C ASN A 87 -4.03 -13.35 -7.42
N PHE A 88 -4.27 -14.64 -7.61
CA PHE A 88 -5.10 -15.35 -6.64
C PHE A 88 -4.94 -16.86 -6.80
N ILE A 89 -5.09 -17.56 -5.68
CA ILE A 89 -5.21 -19.01 -5.65
C ILE A 89 -6.57 -19.32 -5.05
N LYS A 90 -7.31 -20.26 -5.64
CA LYS A 90 -8.69 -20.48 -5.26
C LYS A 90 -8.90 -21.94 -4.85
N THR A 91 -9.31 -22.13 -3.60
CA THR A 91 -9.57 -23.44 -2.98
C THR A 91 -11.06 -23.54 -2.72
N GLU A 92 -11.77 -24.28 -3.56
CA GLU A 92 -13.23 -24.30 -3.55
C GLU A 92 -13.79 -25.53 -2.85
N GLY A 93 -14.96 -25.36 -2.24
CA GLY A 93 -15.73 -26.45 -1.69
C GLY A 93 -15.40 -26.87 -0.29
N GLN A 94 -14.63 -26.08 0.46
CA GLN A 94 -14.21 -26.48 1.79
C GLN A 94 -15.39 -26.60 2.73
N GLN A 95 -15.32 -27.57 3.65
CA GLN A 95 -16.33 -27.74 4.69
C GLN A 95 -15.66 -28.26 5.95
N GLN A 96 -16.25 -27.93 7.10
CA GLN A 96 -15.71 -28.38 8.37
C GLN A 96 -15.64 -29.90 8.42
N GLY A 97 -14.46 -30.43 8.76
CA GLY A 97 -14.33 -31.86 8.90
C GLY A 97 -12.93 -32.26 9.28
N LEU A 98 -12.62 -33.53 9.02
CA LEU A 98 -11.30 -34.09 9.24
C LEU A 98 -10.67 -34.40 7.90
N CYS A 99 -9.36 -34.14 7.78
CA CYS A 99 -8.64 -34.41 6.55
C CYS A 99 -7.14 -34.39 6.78
N PRO A 100 -6.37 -35.14 5.99
CA PRO A 100 -4.91 -35.09 6.11
C PRO A 100 -4.37 -33.73 5.70
N ASP A 101 -3.49 -33.17 6.53
CA ASP A 101 -2.92 -31.87 6.24
C ASP A 101 -2.04 -31.97 5.00
N PHE A 102 -1.69 -30.82 4.43
CA PHE A 102 -0.97 -30.84 3.17
C PHE A 102 0.46 -31.32 3.37
N PRO A 103 0.99 -32.17 2.48
CA PRO A 103 2.37 -32.66 2.62
C PRO A 103 3.38 -31.53 2.70
N THR A 104 4.14 -31.53 3.79
CA THR A 104 5.10 -30.49 4.12
C THR A 104 6.11 -31.12 5.06
N ALA A 105 7.33 -30.58 5.07
CA ALA A 105 8.35 -31.05 5.99
C ALA A 105 7.83 -31.17 7.41
N ARG A 106 6.96 -30.26 7.83
CA ARG A 106 6.42 -30.29 9.18
C ARG A 106 5.20 -31.20 9.32
N THR A 107 4.52 -31.53 8.22
CA THR A 107 3.28 -32.30 8.30
C THR A 107 3.46 -33.79 8.01
N ILE A 108 4.59 -34.19 7.41
CA ILE A 108 4.74 -35.59 7.01
C ILE A 108 5.00 -36.46 8.23
N CYS A 109 4.25 -37.55 8.35
CA CYS A 109 4.37 -38.46 9.49
C CYS A 109 4.63 -39.88 9.01
N SER A 110 5.52 -40.58 9.73
CA SER A 110 5.78 -41.99 9.45
C SER A 110 4.73 -42.87 10.12
N SER A 111 4.29 -42.47 11.31
CA SER A 111 3.38 -43.28 12.12
C SER A 111 2.54 -42.33 12.96
N ASP A 112 1.53 -42.89 13.62
CA ASP A 112 0.72 -42.13 14.56
C ASP A 112 1.55 -41.47 15.66
N ARG A 113 2.80 -41.87 15.85
CA ARG A 113 3.63 -41.24 16.87
C ARG A 113 4.02 -39.82 16.48
N GLY A 114 3.95 -39.47 15.20
CA GLY A 114 4.27 -38.13 14.76
C GLY A 114 3.14 -37.14 14.86
N CYS A 115 1.97 -37.57 15.32
CA CYS A 115 0.79 -36.72 15.41
C CYS A 115 0.31 -36.72 16.86
N LYS A 116 0.19 -35.53 17.45
CA LYS A 116 -0.28 -35.36 18.82
C LYS A 116 -1.64 -34.69 18.78
N LYS A 117 -2.64 -35.32 19.41
CA LYS A 117 -4.00 -34.82 19.36
C LYS A 117 -4.09 -33.44 20.02
N GLY A 118 -4.57 -32.46 19.26
CA GLY A 118 -4.65 -31.10 19.73
C GLY A 118 -3.50 -30.21 19.29
N ARG A 119 -2.51 -30.76 18.59
CA ARG A 119 -1.38 -29.96 18.16
C ARG A 119 -1.79 -28.94 17.11
N MET A 120 -1.32 -27.71 17.28
CA MET A 120 -1.50 -26.67 16.28
C MET A 120 -0.13 -26.15 15.87
N ASP A 121 -0.02 -25.75 14.60
CA ASP A 121 1.23 -25.36 14.00
C ASP A 121 1.02 -24.08 13.22
N PRO A 122 1.93 -23.10 13.33
CA PRO A 122 1.81 -21.89 12.51
C PRO A 122 1.59 -22.17 11.03
N GLN A 123 2.25 -23.18 10.47
CA GLN A 123 2.10 -23.47 9.05
C GLN A 123 0.75 -24.12 8.73
N SER A 124 0.17 -24.84 9.68
CA SER A 124 -1.07 -25.56 9.43
C SER A 124 -2.29 -24.68 9.68
N LYS A 125 -3.41 -25.07 9.07
CA LYS A 125 -4.69 -24.41 9.28
C LYS A 125 -5.66 -25.27 10.05
N GLY A 126 -5.16 -26.26 10.79
CA GLY A 126 -6.03 -27.20 11.47
C GLY A 126 -5.48 -27.62 12.82
N ILE A 127 -6.32 -28.36 13.54
CA ILE A 127 -5.96 -28.94 14.83
C ILE A 127 -5.88 -30.45 14.65
N GLN A 128 -4.74 -31.02 15.01
CA GLN A 128 -4.50 -32.44 14.76
C GLN A 128 -5.42 -33.31 15.61
N THR A 129 -5.85 -34.43 15.03
CA THR A 129 -6.58 -35.45 15.77
C THR A 129 -5.65 -36.45 16.44
N GLY A 130 -4.37 -36.44 16.11
CA GLY A 130 -3.44 -37.42 16.63
C GLY A 130 -3.31 -38.68 15.81
N ARG A 131 -3.77 -38.67 14.56
CA ARG A 131 -3.68 -39.83 13.70
C ARG A 131 -2.87 -39.50 12.45
N CYS A 132 -2.12 -40.49 11.98
CA CYS A 132 -1.31 -40.39 10.78
C CYS A 132 -2.06 -41.08 9.65
N VAL A 133 -2.45 -40.32 8.62
CA VAL A 133 -3.28 -40.84 7.55
C VAL A 133 -2.57 -40.59 6.22
N VAL A 134 -3.10 -41.19 5.16
CA VAL A 134 -2.51 -41.04 3.83
C VAL A 134 -3.11 -39.82 3.15
N TYR A 135 -2.25 -38.98 2.59
CA TYR A 135 -2.69 -37.85 1.77
C TYR A 135 -2.80 -38.27 0.31
N LYS A 136 -1.74 -38.84 -0.23
CA LYS A 136 -1.78 -39.47 -1.55
C LYS A 136 -0.84 -40.67 -1.51
N GLU A 137 -1.26 -41.76 -2.15
CA GLU A 137 -0.41 -42.93 -2.40
C GLU A 137 0.04 -43.48 -1.05
N ARG A 138 1.33 -43.62 -0.78
CA ARG A 138 1.84 -44.06 0.50
C ARG A 138 2.33 -42.90 1.35
N LEU A 139 2.22 -41.67 0.85
CA LEU A 139 2.66 -40.50 1.60
C LEU A 139 1.64 -40.17 2.67
N LYS A 140 2.10 -40.03 3.91
CA LYS A 140 1.22 -39.81 5.04
C LYS A 140 1.48 -38.45 5.67
N THR A 141 0.39 -37.81 6.09
CA THR A 141 0.40 -36.57 6.86
C THR A 141 -0.49 -36.72 8.07
N CYS A 142 -0.32 -35.80 9.02
CA CYS A 142 -1.09 -35.85 10.26
C CYS A 142 -2.50 -35.34 10.01
N GLU A 143 -3.49 -36.19 10.30
CA GLU A 143 -4.89 -35.80 10.11
C GLU A 143 -5.25 -34.66 11.03
N VAL A 144 -5.89 -33.63 10.48
CA VAL A 144 -6.29 -32.45 11.23
C VAL A 144 -7.78 -32.24 11.08
N SER A 145 -8.33 -31.47 12.02
CA SER A 145 -9.70 -30.98 11.95
C SER A 145 -9.63 -29.54 11.47
N ALA A 146 -10.30 -29.24 10.37
CA ALA A 146 -10.22 -27.92 9.77
C ALA A 146 -11.24 -27.80 8.65
N TRP A 147 -11.13 -26.70 7.91
CA TRP A 147 -11.83 -26.51 6.65
C TRP A 147 -11.18 -27.44 5.62
N CYS A 148 -11.93 -28.41 5.13
CA CYS A 148 -11.37 -29.50 4.35
C CYS A 148 -11.94 -29.48 2.93
N PRO A 149 -11.11 -29.72 1.90
CA PRO A 149 -9.67 -30.02 1.94
C PRO A 149 -8.80 -28.82 2.26
N ILE A 150 -7.60 -29.07 2.79
CA ILE A 150 -6.67 -27.99 3.08
C ILE A 150 -6.15 -27.38 1.79
N GLU A 151 -6.04 -26.05 1.79
CA GLU A 151 -5.40 -25.35 0.70
C GLU A 151 -3.98 -25.85 0.50
N GLU A 152 -3.64 -26.14 -0.74
CA GLU A 152 -2.31 -26.67 -1.07
C GLU A 152 -1.24 -25.64 -0.73
N VAL A 153 -0.05 -26.13 -0.42
CA VAL A 153 1.13 -25.30 -0.33
C VAL A 153 1.73 -25.24 -1.72
N LYS A 154 1.52 -24.11 -2.41
CA LYS A 154 2.08 -23.90 -3.74
C LYS A 154 2.44 -22.43 -3.88
N ASP A 155 3.04 -22.09 -5.01
CA ASP A 155 3.34 -20.70 -5.33
C ASP A 155 2.18 -20.05 -6.07
N ALA A 156 2.15 -18.73 -6.05
CA ALA A 156 1.15 -17.99 -6.81
C ALA A 156 1.41 -18.14 -8.31
N PRO A 157 0.36 -18.08 -9.15
CA PRO A 157 0.52 -18.31 -10.59
C PRO A 157 1.75 -17.63 -11.20
N ARG A 158 2.41 -18.32 -12.15
CA ARG A 158 3.76 -17.91 -12.55
C ARG A 158 3.77 -16.56 -13.25
N PRO A 159 2.97 -16.31 -14.31
CA PRO A 159 2.58 -14.91 -14.58
C PRO A 159 1.33 -14.55 -13.78
N ALA A 160 1.31 -13.39 -13.14
CA ALA A 160 0.18 -13.02 -12.30
C ALA A 160 -1.11 -12.99 -13.12
N LEU A 161 -2.16 -13.61 -12.56
CA LEU A 161 -3.41 -13.77 -13.30
C LEU A 161 -4.01 -12.43 -13.68
N LEU A 162 -3.85 -11.41 -12.86
CA LEU A 162 -4.36 -10.09 -13.19
C LEU A 162 -3.21 -9.18 -13.57
N ASN A 163 -2.29 -9.70 -14.39
CA ASN A 163 -1.11 -8.93 -14.78
C ASN A 163 -1.48 -7.60 -15.43
N SER A 164 -2.66 -7.52 -16.06
CA SER A 164 -3.08 -6.31 -16.76
C SER A 164 -3.28 -5.13 -15.83
N ALA A 165 -3.19 -5.35 -14.51
CA ALA A 165 -3.47 -4.30 -13.55
C ALA A 165 -2.53 -3.10 -13.69
N GLU A 166 -1.35 -3.28 -14.31
CA GLU A 166 -0.47 -2.14 -14.51
C GLU A 166 -1.12 -1.11 -15.41
N ASN A 167 -1.95 -1.55 -16.36
CA ASN A 167 -2.69 -0.62 -17.19
C ASN A 167 -3.87 0.03 -16.47
N PHE A 168 -4.18 -0.35 -15.23
CA PHE A 168 -5.28 0.32 -14.55
C PHE A 168 -4.91 1.74 -14.19
N THR A 169 -5.94 2.49 -13.82
CA THR A 169 -5.83 3.91 -13.51
C THR A 169 -6.41 4.19 -12.13
N VAL A 170 -5.71 4.98 -11.34
CA VAL A 170 -6.23 5.49 -10.06
C VAL A 170 -6.41 6.99 -10.21
N LEU A 171 -7.63 7.46 -9.94
CA LEU A 171 -7.91 8.90 -9.88
C LEU A 171 -7.98 9.29 -8.41
N ILE A 172 -7.12 10.22 -8.01
CA ILE A 172 -6.96 10.60 -6.61
C ILE A 172 -7.54 12.00 -6.43
N LYS A 173 -8.34 12.16 -5.39
CA LYS A 173 -8.92 13.45 -5.01
C LYS A 173 -8.49 13.72 -3.57
N ASN A 174 -7.65 14.72 -3.39
CA ASN A 174 -7.15 15.08 -2.07
C ASN A 174 -7.70 16.45 -1.67
N ASN A 175 -8.17 16.56 -0.44
CA ASN A 175 -8.68 17.82 0.11
C ASN A 175 -7.90 18.10 1.38
N ILE A 176 -7.19 19.23 1.40
CA ILE A 176 -6.42 19.61 2.57
C ILE A 176 -7.03 20.86 3.17
N ASP A 177 -6.87 20.99 4.47
CA ASP A 177 -7.37 22.14 5.21
C ASP A 177 -6.38 22.48 6.31
N PHE A 178 -6.10 23.78 6.46
CA PHE A 178 -5.40 24.29 7.62
C PHE A 178 -6.42 24.98 8.51
N PRO A 179 -6.69 24.45 9.70
CA PRO A 179 -7.74 25.01 10.57
C PRO A 179 -7.35 26.34 11.19
N GLY A 180 -6.14 26.43 11.72
CA GLY A 180 -5.69 27.68 12.33
C GLY A 180 -5.77 28.85 11.38
N HIS A 181 -5.35 28.65 10.13
CA HIS A 181 -5.37 29.70 9.12
C HIS A 181 -6.68 29.77 8.35
N ASN A 182 -7.63 28.90 8.66
CA ASN A 182 -8.94 28.85 8.00
C ASN A 182 -8.78 28.88 6.48
N TYR A 183 -8.00 27.91 5.97
CA TYR A 183 -7.77 27.85 4.53
C TYR A 183 -7.97 26.42 4.04
N THR A 184 -8.87 26.25 3.08
CA THR A 184 -9.19 24.95 2.49
C THR A 184 -8.82 24.98 1.03
N THR A 185 -8.16 23.93 0.56
CA THR A 185 -7.93 23.79 -0.88
C THR A 185 -7.89 22.31 -1.23
N ARG A 186 -8.16 22.01 -2.50
CA ARG A 186 -8.26 20.64 -2.97
C ARG A 186 -7.24 20.36 -4.06
N ASN A 187 -6.98 19.06 -4.23
CA ASN A 187 -5.95 18.59 -5.14
C ASN A 187 -6.21 19.05 -6.57
N ILE A 188 -7.47 19.08 -6.98
CA ILE A 188 -7.85 19.42 -8.35
C ILE A 188 -8.46 20.83 -8.33
N LEU A 189 -7.77 21.78 -8.93
CA LEU A 189 -8.35 23.11 -9.11
C LEU A 189 -9.43 23.07 -10.19
N PRO A 190 -10.38 23.99 -10.16
CA PRO A 190 -11.50 23.91 -11.10
C PRO A 190 -11.08 24.14 -12.54
N GLY A 191 -11.79 23.47 -13.45
CA GLY A 191 -11.64 23.71 -14.87
C GLY A 191 -10.43 23.11 -15.54
N VAL A 192 -9.67 22.26 -14.84
CA VAL A 192 -8.49 21.64 -15.44
C VAL A 192 -8.92 20.53 -16.39
N ASN A 193 -8.13 20.34 -17.44
CA ASN A 193 -8.36 19.26 -18.41
C ASN A 193 -8.09 17.94 -17.70
N ILE A 194 -9.16 17.23 -17.34
CA ILE A 194 -9.01 16.01 -16.53
C ILE A 194 -8.39 14.89 -17.35
N THR A 195 -8.66 14.85 -18.66
CA THR A 195 -8.13 13.78 -19.51
C THR A 195 -6.63 13.98 -19.67
N CYS A 196 -5.86 13.10 -19.04
CA CYS A 196 -4.40 13.13 -18.99
C CYS A 196 -3.93 11.95 -18.16
N THR A 197 -2.66 11.61 -18.33
CA THR A 197 -1.97 10.69 -17.44
C THR A 197 -0.88 11.49 -16.73
N PHE A 198 -0.75 11.30 -15.42
CA PHE A 198 0.31 11.97 -14.70
C PHE A 198 1.67 11.56 -15.26
N HIS A 199 2.45 12.57 -15.64
CA HIS A 199 3.84 12.40 -16.02
C HIS A 199 4.67 13.35 -15.17
N LYS A 200 5.85 12.88 -14.74
CA LYS A 200 6.69 13.68 -13.85
C LYS A 200 6.88 15.10 -14.38
N THR A 201 7.07 15.25 -15.70
CA THR A 201 7.28 16.53 -16.32
C THR A 201 6.10 16.99 -17.18
N GLN A 202 5.55 16.09 -18.00
CA GLN A 202 4.51 16.49 -18.94
C GLN A 202 3.19 16.82 -18.26
N ASN A 203 2.88 16.17 -17.15
CA ASN A 203 1.63 16.41 -16.42
C ASN A 203 1.88 16.26 -14.93
N PRO A 204 2.56 17.23 -14.32
CA PRO A 204 2.86 17.13 -12.88
C PRO A 204 1.65 17.36 -11.99
N GLN A 205 0.53 17.84 -12.54
CA GLN A 205 -0.66 18.12 -11.74
C GLN A 205 -1.84 17.22 -12.10
N CYS A 206 -1.71 16.40 -13.14
CA CYS A 206 -2.66 15.34 -13.44
C CYS A 206 -2.89 14.45 -12.21
N PRO A 207 -4.11 14.35 -11.71
CA PRO A 207 -4.42 13.43 -10.62
C PRO A 207 -4.70 12.00 -11.06
N ILE A 208 -4.51 11.71 -12.35
CA ILE A 208 -4.77 10.40 -12.94
C ILE A 208 -3.43 9.67 -13.04
N PHE A 209 -3.32 8.54 -12.35
CA PHE A 209 -2.05 7.80 -12.28
C PHE A 209 -2.24 6.41 -12.88
N ARG A 210 -1.40 6.08 -13.86
CA ARG A 210 -1.31 4.70 -14.32
C ARG A 210 -0.37 3.94 -13.38
N LEU A 211 -0.81 2.76 -12.94
CA LEU A 211 -0.07 2.05 -11.90
C LEU A 211 1.31 1.63 -12.40
N GLY A 212 1.39 1.14 -13.64
CA GLY A 212 2.68 0.84 -14.23
C GLY A 212 3.62 2.03 -14.22
N ASP A 213 3.10 3.21 -14.58
CA ASP A 213 3.89 4.44 -14.48
C ASP A 213 4.49 4.60 -13.09
N ILE A 214 3.67 4.34 -12.06
CA ILE A 214 4.13 4.50 -10.69
C ILE A 214 5.29 3.55 -10.41
N PHE A 215 5.15 2.29 -10.82
CA PHE A 215 6.25 1.35 -10.57
C PHE A 215 7.50 1.70 -11.36
N GLN A 216 7.36 2.29 -12.55
CA GLN A 216 8.54 2.77 -13.26
C GLN A 216 9.21 3.92 -12.52
N GLU A 217 8.41 4.86 -12.00
CA GLU A 217 8.98 5.96 -11.22
C GLU A 217 9.76 5.44 -10.03
N THR A 218 9.20 4.47 -9.29
CA THR A 218 9.99 3.89 -8.20
C THR A 218 11.00 2.86 -8.70
N GLY A 219 11.00 2.55 -9.98
CA GLY A 219 12.00 1.64 -10.51
C GLY A 219 11.78 0.18 -10.18
N ASP A 220 10.59 -0.18 -9.70
CA ASP A 220 10.23 -1.57 -9.49
C ASP A 220 9.43 -2.09 -10.68
N SER A 221 9.60 -3.36 -10.99
CA SER A 221 8.84 -3.99 -12.06
C SER A 221 7.45 -4.36 -11.55
N PHE A 222 6.43 -3.95 -12.28
CA PHE A 222 5.06 -4.20 -11.83
C PHE A 222 4.73 -5.69 -11.85
N SER A 223 5.27 -6.42 -12.83
CA SER A 223 4.95 -7.83 -12.95
C SER A 223 5.43 -8.62 -11.74
N ASP A 224 6.71 -8.46 -11.39
CA ASP A 224 7.28 -9.18 -10.25
C ASP A 224 6.46 -8.95 -8.99
N VAL A 225 6.24 -7.68 -8.63
CA VAL A 225 5.45 -7.37 -7.44
C VAL A 225 4.04 -7.94 -7.58
N ALA A 226 3.50 -7.91 -8.80
CA ALA A 226 2.14 -8.40 -9.02
C ALA A 226 2.02 -9.90 -8.78
N ILE A 227 3.12 -10.64 -8.89
CA ILE A 227 3.03 -12.08 -8.69
C ILE A 227 2.68 -12.41 -7.25
N GLN A 228 3.36 -11.79 -6.29
CA GLN A 228 3.15 -12.09 -4.88
C GLN A 228 2.64 -10.91 -4.07
N GLY A 229 2.39 -9.76 -4.70
CA GLY A 229 1.86 -8.61 -4.02
C GLY A 229 2.94 -7.70 -3.48
N GLY A 230 2.52 -6.49 -3.13
CA GLY A 230 3.42 -5.51 -2.54
C GLY A 230 2.62 -4.38 -1.92
N ILE A 231 3.33 -3.41 -1.39
CA ILE A 231 2.72 -2.21 -0.82
C ILE A 231 3.44 -1.01 -1.40
N MET A 232 2.75 -0.25 -2.23
CA MET A 232 3.31 0.95 -2.83
C MET A 232 2.82 2.19 -2.10
N GLY A 233 3.54 3.28 -2.31
CA GLY A 233 3.27 4.51 -1.61
C GLY A 233 3.20 5.70 -2.54
N ILE A 234 2.03 6.35 -2.55
CA ILE A 234 1.81 7.57 -3.31
C ILE A 234 1.90 8.73 -2.32
N GLU A 235 2.95 9.53 -2.44
CA GLU A 235 3.18 10.67 -1.57
C GLU A 235 2.67 11.93 -2.25
N ILE A 236 1.90 12.72 -1.51
CA ILE A 236 1.38 14.00 -1.97
C ILE A 236 1.92 15.04 -1.01
N TYR A 237 2.97 15.75 -1.43
CA TYR A 237 3.59 16.78 -0.61
C TYR A 237 2.90 18.12 -0.86
N TRP A 238 2.67 18.87 0.22
CA TRP A 238 2.03 20.18 0.14
C TRP A 238 2.94 21.23 0.79
N ASP A 239 3.74 21.91 -0.03
CA ASP A 239 4.45 23.10 0.41
C ASP A 239 3.59 24.31 0.08
N CYS A 240 3.20 25.07 1.11
CA CYS A 240 2.17 26.08 0.95
C CYS A 240 2.56 27.39 1.61
N ASN A 241 2.29 28.48 0.90
CA ASN A 241 2.56 29.84 1.35
C ASN A 241 1.27 30.64 1.29
N LEU A 242 0.91 31.27 2.41
CA LEU A 242 -0.35 32.00 2.53
C LEU A 242 -0.13 33.49 2.78
N ASP A 243 0.94 34.05 2.21
CA ASP A 243 1.25 35.46 2.44
C ASP A 243 0.68 36.38 1.36
N GLY A 244 0.56 35.92 0.13
CA GLY A 244 0.11 36.75 -0.97
C GLY A 244 1.25 37.39 -1.74
N TRP A 245 2.25 37.92 -1.02
CA TRP A 245 3.45 38.42 -1.69
C TRP A 245 4.15 37.31 -2.47
N PHE A 246 4.08 36.08 -1.94
CA PHE A 246 4.45 34.88 -2.67
C PHE A 246 3.45 33.81 -2.28
N HIS A 247 2.57 33.43 -3.21
CA HIS A 247 1.50 32.49 -2.95
C HIS A 247 1.71 31.23 -3.77
N HIS A 248 1.77 30.08 -3.10
CA HIS A 248 1.94 28.79 -3.75
C HIS A 248 1.48 27.71 -2.80
N CYS A 249 0.65 26.79 -3.30
CA CYS A 249 0.09 25.73 -2.46
C CYS A 249 -0.51 24.62 -3.32
N ARG A 250 0.34 23.81 -3.94
CA ARG A 250 -0.09 22.74 -4.84
C ARG A 250 0.59 21.44 -4.45
N PRO A 251 0.10 20.30 -4.91
CA PRO A 251 0.72 19.03 -4.52
C PRO A 251 1.95 18.70 -5.35
N LYS A 252 2.82 17.89 -4.75
CA LYS A 252 3.99 17.31 -5.41
C LYS A 252 3.86 15.80 -5.26
N TYR A 253 3.67 15.12 -6.39
CA TYR A 253 3.44 13.68 -6.39
C TYR A 253 4.78 12.96 -6.49
N SER A 254 5.09 12.15 -5.48
CA SER A 254 6.26 11.28 -5.52
C SER A 254 5.82 9.86 -5.19
N PHE A 255 6.66 8.88 -5.52
CA PHE A 255 6.29 7.48 -5.41
C PHE A 255 7.41 6.70 -4.75
N ARG A 256 7.07 5.93 -3.71
CA ARG A 256 8.04 5.19 -2.93
C ARG A 256 7.49 3.80 -2.64
N ARG A 257 8.30 2.76 -2.81
CA ARG A 257 7.83 1.40 -2.60
C ARG A 257 8.01 1.01 -1.14
N LEU A 258 6.91 0.63 -0.49
CA LEU A 258 6.85 0.55 0.97
C LEU A 258 7.10 -0.85 1.52
N ASP A 259 6.78 -1.90 0.78
CA ASP A 259 6.99 -3.25 1.30
C ASP A 259 8.48 -3.55 1.41
N ASP A 260 8.80 -4.51 2.28
CA ASP A 260 10.18 -4.71 2.72
C ASP A 260 11.03 -5.49 1.74
N LYS A 261 10.42 -6.21 0.80
CA LYS A 261 11.14 -7.01 -0.21
C LYS A 261 12.13 -7.98 0.45
N THR A 262 11.63 -8.69 1.46
CA THR A 262 12.51 -9.55 2.25
C THR A 262 12.88 -10.83 1.50
N THR A 263 11.89 -11.46 0.87
CA THR A 263 12.04 -12.74 0.16
C THR A 263 12.39 -13.88 1.10
N SER A 264 11.89 -13.84 2.34
CA SER A 264 12.15 -14.87 3.33
C SER A 264 10.82 -15.47 3.78
N GLU A 265 10.68 -16.79 3.64
CA GLU A 265 9.43 -17.46 3.98
C GLU A 265 9.01 -17.22 5.42
N SER A 266 9.94 -16.88 6.30
CA SER A 266 9.62 -16.66 7.70
C SER A 266 8.97 -15.31 7.95
N LEU A 267 9.18 -14.32 7.06
CA LEU A 267 8.70 -12.97 7.29
C LEU A 267 7.51 -12.62 6.39
N TYR A 268 6.85 -13.61 5.80
CA TYR A 268 5.61 -13.44 5.04
C TYR A 268 5.75 -12.36 3.98
N PRO A 269 6.44 -12.62 2.88
CA PRO A 269 6.74 -11.56 1.91
C PRO A 269 5.55 -11.26 1.00
N GLY A 270 5.61 -10.09 0.38
CA GLY A 270 4.57 -9.64 -0.51
C GLY A 270 3.38 -9.04 0.23
N TYR A 271 2.23 -9.08 -0.43
CA TYR A 271 0.97 -8.69 0.19
C TYR A 271 -0.13 -9.65 -0.26
N ASN A 272 -0.76 -10.29 0.71
CA ASN A 272 -1.81 -11.25 0.42
C ASN A 272 -2.69 -11.41 1.66
N PHE A 273 -3.91 -11.91 1.43
CA PHE A 273 -4.79 -12.19 2.55
C PHE A 273 -5.75 -13.30 2.14
N ARG A 274 -6.28 -13.97 3.15
CA ARG A 274 -7.15 -15.12 2.95
C ARG A 274 -8.59 -14.67 3.08
N TYR A 275 -9.30 -14.68 1.95
CA TYR A 275 -10.68 -14.21 1.86
C TYR A 275 -11.62 -15.39 1.74
N ALA A 276 -12.62 -15.46 2.62
CA ALA A 276 -13.58 -16.54 2.62
C ALA A 276 -14.88 -16.13 1.94
N LYS A 277 -15.47 -17.05 1.18
CA LYS A 277 -16.80 -16.92 0.60
C LYS A 277 -17.65 -18.07 1.11
N TYR A 278 -18.54 -17.79 2.05
CA TYR A 278 -19.36 -18.83 2.63
C TYR A 278 -20.61 -19.06 1.80
N TYR A 279 -21.09 -20.30 1.79
CA TYR A 279 -22.31 -20.66 1.08
C TYR A 279 -22.78 -22.00 1.61
N LYS A 280 -24.02 -22.34 1.30
CA LYS A 280 -24.59 -23.61 1.74
C LYS A 280 -24.82 -24.50 0.53
N GLU A 281 -24.51 -25.79 0.68
CA GLU A 281 -24.66 -26.71 -0.45
C GLU A 281 -25.00 -28.09 0.08
N ASN A 282 -26.05 -28.69 -0.48
CA ASN A 282 -26.52 -30.01 -0.06
C ASN A 282 -26.80 -30.04 1.44
N ASN A 283 -27.31 -28.92 1.95
CA ASN A 283 -27.61 -28.73 3.37
C ASN A 283 -26.36 -28.86 4.23
N VAL A 284 -25.21 -28.44 3.71
CA VAL A 284 -23.95 -28.45 4.43
C VAL A 284 -23.33 -27.06 4.36
N GLU A 285 -22.81 -26.60 5.50
CA GLU A 285 -22.06 -25.35 5.55
C GLU A 285 -20.75 -25.48 4.79
N LYS A 286 -20.57 -24.65 3.76
CA LYS A 286 -19.41 -24.76 2.88
C LYS A 286 -18.76 -23.39 2.68
N ARG A 287 -17.52 -23.43 2.20
CA ARG A 287 -16.67 -22.25 2.11
C ARG A 287 -15.72 -22.38 0.93
N THR A 288 -15.61 -21.31 0.14
CA THR A 288 -14.60 -21.20 -0.90
C THR A 288 -13.57 -20.20 -0.40
N LEU A 289 -12.35 -20.66 -0.17
CA LEU A 289 -11.27 -19.83 0.31
C LEU A 289 -10.43 -19.36 -0.87
N ILE A 290 -10.19 -18.06 -0.96
CA ILE A 290 -9.36 -17.48 -1.99
C ILE A 290 -8.20 -16.77 -1.33
N LYS A 291 -6.98 -17.22 -1.61
CA LYS A 291 -5.78 -16.46 -1.26
C LYS A 291 -5.60 -15.36 -2.28
N VAL A 292 -5.71 -14.12 -1.81
CA VAL A 292 -5.75 -12.92 -2.65
C VAL A 292 -4.40 -12.24 -2.59
N PHE A 293 -3.80 -12.04 -3.75
CA PHE A 293 -2.53 -11.34 -3.93
C PHE A 293 -2.77 -10.03 -4.66
N GLY A 294 -2.14 -8.96 -4.20
CA GLY A 294 -2.26 -7.71 -4.90
C GLY A 294 -1.37 -6.65 -4.27
N ILE A 295 -1.46 -5.44 -4.82
CA ILE A 295 -0.71 -4.30 -4.35
C ILE A 295 -1.64 -3.39 -3.54
N ARG A 296 -1.23 -3.06 -2.33
CA ARG A 296 -1.87 -2.02 -1.55
C ARG A 296 -1.18 -0.69 -1.84
N PHE A 297 -1.95 0.31 -2.22
CA PHE A 297 -1.42 1.66 -2.40
C PHE A 297 -1.77 2.50 -1.18
N ASP A 298 -0.75 3.14 -0.60
CA ASP A 298 -0.89 3.97 0.59
C ASP A 298 -0.70 5.41 0.18
N ILE A 299 -1.75 6.22 0.29
CA ILE A 299 -1.69 7.62 -0.12
C ILE A 299 -1.32 8.45 1.10
N LEU A 300 -0.09 8.95 1.11
CA LEU A 300 0.48 9.67 2.23
C LEU A 300 0.50 11.16 1.91
N VAL A 301 -0.33 11.92 2.60
CA VAL A 301 -0.46 13.35 2.39
C VAL A 301 0.16 14.07 3.58
N PHE A 302 1.22 14.83 3.31
CA PHE A 302 1.96 15.56 4.32
C PHE A 302 2.25 16.95 3.78
N GLY A 303 2.35 17.92 4.68
CA GLY A 303 2.58 19.28 4.23
C GLY A 303 2.57 20.25 5.39
N THR A 304 2.81 21.50 5.05
CA THR A 304 2.92 22.57 6.03
C THR A 304 2.45 23.86 5.40
N GLY A 305 1.61 24.61 6.12
CA GLY A 305 1.08 25.88 5.64
C GLY A 305 1.61 27.04 6.47
N GLY A 306 2.16 28.02 5.78
CA GLY A 306 2.85 29.13 6.43
C GLY A 306 2.16 30.45 6.20
N LYS A 307 2.12 31.28 7.24
CA LYS A 307 1.61 32.65 7.16
C LYS A 307 2.29 33.47 8.24
N PHE A 308 2.70 34.68 7.87
CA PHE A 308 3.57 35.49 8.73
C PHE A 308 2.93 35.74 10.10
N ASN A 309 3.73 35.58 11.15
CA ASN A 309 3.32 35.81 12.51
C ASN A 309 4.15 36.92 13.11
N VAL A 310 3.49 37.92 13.71
CA VAL A 310 4.21 39.01 14.35
C VAL A 310 5.04 38.48 15.51
N ILE A 311 4.43 37.64 16.35
CA ILE A 311 5.13 37.11 17.53
C ILE A 311 6.31 36.25 17.12
N GLN A 312 6.17 35.51 16.01
CA GLN A 312 7.29 34.72 15.49
C GLN A 312 8.40 35.62 14.94
N LEU A 313 8.05 36.55 14.04
CA LEU A 313 9.02 37.50 13.53
C LEU A 313 9.69 38.24 14.67
N ALA A 314 8.91 38.65 15.67
CA ALA A 314 9.44 39.23 16.90
C ALA A 314 10.51 38.30 17.47
N VAL A 315 10.10 37.17 18.03
CA VAL A 315 11.01 36.23 18.69
C VAL A 315 12.29 36.02 17.90
N TYR A 316 12.15 35.96 16.57
CA TYR A 316 13.34 35.82 15.72
C TYR A 316 14.23 37.05 15.84
N ILE A 317 13.65 38.24 15.69
CA ILE A 317 14.39 39.49 15.92
C ILE A 317 15.08 39.44 17.27
N GLY A 318 14.39 38.93 18.29
CA GLY A 318 14.98 38.84 19.61
C GLY A 318 16.18 37.92 19.67
N SER A 319 16.19 36.87 18.85
CA SER A 319 17.41 36.11 18.69
C SER A 319 18.45 36.86 17.85
N VAL A 320 18.02 37.87 17.10
CA VAL A 320 18.90 38.45 16.08
C VAL A 320 19.68 39.65 16.62
N ILE A 321 19.05 40.47 17.47
CA ILE A 321 19.74 41.62 18.05
C ILE A 321 20.96 41.18 18.84
N SER A 322 20.94 39.95 19.38
CA SER A 322 22.11 39.43 20.07
C SER A 322 23.26 39.14 19.12
N TYR A 323 23.00 38.97 17.82
CA TYR A 323 24.08 38.96 16.84
C TYR A 323 24.43 40.34 16.34
N PHE A 324 23.50 41.31 16.43
CA PHE A 324 23.93 42.69 16.29
C PHE A 324 25.00 43.03 17.32
N GLY A 325 24.64 42.94 18.60
CA GLY A 325 25.58 43.30 19.65
C GLY A 325 26.76 42.37 19.75
N LEU A 326 26.50 41.06 19.73
CA LEU A 326 27.59 40.09 19.84
C LEU A 326 28.50 40.14 18.62
N ALA A 327 27.93 40.38 17.44
CA ALA A 327 28.75 40.61 16.25
C ALA A 327 29.60 41.85 16.41
N THR A 328 29.10 42.87 17.12
CA THR A 328 29.93 44.02 17.44
C THR A 328 31.06 43.65 18.41
N VAL A 329 30.76 42.78 19.39
CA VAL A 329 31.77 42.42 20.38
C VAL A 329 32.81 41.46 19.83
N PHE A 330 32.52 40.80 18.71
CA PHE A 330 33.49 39.85 18.15
C PHE A 330 34.76 40.57 17.69
N ILE A 331 34.61 41.67 16.96
CA ILE A 331 35.75 42.40 16.43
C ILE A 331 36.55 43.05 17.56
C1 NAG B . -1.18 -2.69 -21.34
C2 NAG B . -0.84 -4.16 -21.64
C3 NAG B . 0.13 -4.25 -22.83
C4 NAG B . -0.39 -3.44 -24.02
C5 NAG B . -0.73 -2.03 -23.59
C6 NAG B . -1.38 -1.20 -24.69
C7 NAG B . -0.67 -6.01 -20.04
C8 NAG B . 0.03 -6.53 -18.82
N2 NAG B . -0.28 -4.81 -20.48
O3 NAG B . 0.28 -5.62 -23.21
O4 NAG B . 0.62 -3.40 -25.03
O5 NAG B . -1.67 -2.07 -22.51
O6 NAG B . -2.64 -1.74 -25.05
O7 NAG B . -1.56 -6.64 -20.61
C1 NAG B . 0.12 -3.82 -26.31
C2 NAG B . 1.03 -3.26 -27.42
C3 NAG B . 0.56 -3.74 -28.79
C4 NAG B . 0.37 -5.25 -28.81
C5 NAG B . -0.53 -5.68 -27.66
C6 NAG B . -0.68 -7.18 -27.55
C7 NAG B . 2.01 -1.11 -26.73
C8 NAG B . 1.89 0.38 -26.79
N2 NAG B . 1.07 -1.80 -27.37
O3 NAG B . 1.51 -3.35 -29.77
O4 NAG B . -0.22 -5.65 -30.04
O5 NAG B . 0.04 -5.23 -26.42
O6 NAG B . -0.65 -7.61 -26.20
O7 NAG B . 2.92 -1.67 -26.10
C1 NAG C . -7.26 17.73 -23.04
C2 NAG C . -8.21 18.20 -24.13
C3 NAG C . -8.26 17.19 -25.28
C4 NAG C . -6.85 16.93 -25.80
C5 NAG C . -5.92 16.52 -24.66
C6 NAG C . -4.48 16.39 -25.09
C7 NAG C . -10.15 19.63 -23.64
C8 NAG C . -11.53 19.69 -23.04
N2 NAG C . -9.55 18.43 -23.60
O3 NAG C . -9.08 17.69 -26.32
O4 NAG C . -6.89 15.90 -26.78
O5 NAG C . -5.96 17.50 -23.62
O6 NAG C . -3.68 15.81 -24.08
O7 NAG C . -9.61 20.61 -24.12
C1 NAG D . -12.96 31.43 6.77
C2 NAG D . -14.08 31.76 7.76
C3 NAG D . -15.40 31.92 7.02
C4 NAG D . -15.28 32.96 5.92
C5 NAG D . -14.13 32.59 4.99
C6 NAG D . -13.89 33.64 3.92
C7 NAG D . -14.44 31.03 10.07
C8 NAG D . -14.52 29.85 11.00
N2 NAG D . -14.18 30.74 8.78
O3 NAG D . -16.43 32.31 7.94
O4 NAG D . -16.49 33.05 5.18
O5 NAG D . -12.91 32.45 5.72
O6 NAG D . -15.10 34.15 3.39
O7 NAG D . -14.58 32.18 10.45
C10 7RV E . -17.02 -11.62 9.75
C13 7RV E . -13.49 -11.74 6.57
C15 7RV E . -15.54 -10.93 5.95
C17 7RV E . -13.54 -9.97 4.83
C20 7RV E . -12.39 -8.74 2.63
C21 7RV E . -13.78 -8.66 2.83
C22 7RV E . -14.35 -9.28 3.93
C24 7RV E . -18.87 -15.76 12.48
C26 7RV E . -19.51 -17.95 13.33
C28 7RV E . -18.60 -17.82 11.19
O01 7RV E . -18.31 -15.71 9.01
C02 7RV E . -17.87 -15.57 10.12
N03 7RV E . -16.77 -14.60 10.33
C04 7RV E . -16.34 -13.93 9.10
C05 7RV E . -15.84 -12.48 9.35
C06 7RV E . -14.76 -12.53 10.41
C07 7RV E . -14.47 -11.20 11.11
O08 7RV E . -15.72 -10.49 11.53
C09 7RV E . -16.64 -10.28 10.40
N11 7RV E . -15.32 -12.09 8.09
C12 7RV E . -13.97 -11.97 8.01
N14 7RV E . -14.14 -10.62 5.97
C16 7RV E . -16.09 -11.21 7.36
C18 7RV E . -12.16 -10.05 4.63
C19 7RV E . -11.58 -9.44 3.52
C23 7RV E . -18.47 -16.40 11.32
C25 7RV E . -19.40 -16.56 13.50
N27 7RV E . -19.11 -18.55 12.19
S29 7RV E . -18.06 -18.69 9.65
C30 7RV E . -17.85 -20.47 10.06
C31 7RV E . -16.69 -20.90 10.69
C32 7RV E . -16.54 -22.24 11.00
C33 7RV E . -17.55 -23.15 10.67
C34 7RV E . -18.71 -22.72 10.04
C35 7RV E . -18.87 -21.38 9.72
#